data_2YNO
#
_entry.id   2YNO
#
_cell.length_a   171.560
_cell.length_b   50.510
_cell.length_c   74.470
_cell.angle_alpha   90.00
_cell.angle_beta   103.99
_cell.angle_gamma   90.00
#
_symmetry.space_group_name_H-M   'C 1 2 1'
#
loop_
_entity.id
_entity.type
_entity.pdbx_description
1 polymer "Coatomer subunit beta'"
2 polymer 'POLY ALA'
3 water water
#
loop_
_entity_poly.entity_id
_entity_poly.type
_entity_poly.pdbx_seq_one_letter_code
_entity_poly.pdbx_strand_id
1 'polypeptide(L)'
;MKLDIKKTFSNRSDRVKGIDFHPTEPWVLTTLYSGRVELWNYETQVEVRSIQVTETPVRAGKFIARKNWIIVGSDDFRIR
VFNYNTGEKVVDFEAHPDYIRSIAVHPTKPYVLSGSDDLTVKLWNWENNWALEQTFEGHEHFVMCVAFNPKDPSTFASGC
LDRTVKVWSLGQSTPNFTLTTGQERGVNYVDYYPLPDKPYMITASDDLTIKIWDYQTKSCVATLEGHMSNVSFAVFHPTL
PIIISGSEDGTLKIWNSSTYKVEKTLNVGLERSWCIATHPTGRKNYIASGFDNGFTVLSLGNDEHHHHHH
;
A,B
2 'polyribonucleotide' (UNK)(UNK)(UNK)(UNK)(UNK) P
#
# COMPACT_ATOMS: atom_id res chain seq x y z
N MET A 1 -8.30 -9.78 -8.25
CA MET A 1 -8.42 -8.44 -8.80
C MET A 1 -9.57 -8.42 -9.79
N LYS A 2 -9.97 -7.23 -10.19
CA LYS A 2 -10.99 -7.03 -11.22
C LYS A 2 -10.53 -5.94 -12.17
N LEU A 3 -10.16 -6.33 -13.39
CA LEU A 3 -9.76 -5.36 -14.40
C LEU A 3 -10.99 -4.56 -14.81
N ASP A 4 -10.90 -3.24 -14.72
CA ASP A 4 -12.01 -2.35 -15.04
C ASP A 4 -11.35 -1.11 -15.62
N ILE A 5 -11.05 -1.18 -16.91
CA ILE A 5 -10.18 -0.18 -17.53
C ILE A 5 -10.96 1.07 -17.91
N LYS A 6 -10.50 2.21 -17.41
CA LYS A 6 -11.11 3.49 -17.74
C LYS A 6 -10.08 4.38 -18.40
N LYS A 7 -10.49 5.12 -19.43
CA LYS A 7 -9.57 6.08 -20.03
C LYS A 7 -9.61 7.37 -19.24
N THR A 8 -8.50 7.66 -18.56
CA THR A 8 -8.40 8.85 -17.72
C THR A 8 -8.15 10.08 -18.58
N PHE A 9 -7.17 9.99 -19.48
CA PHE A 9 -6.81 11.11 -20.36
C PHE A 9 -6.01 10.59 -21.54
N SER A 10 -6.48 10.90 -22.75
CA SER A 10 -5.65 10.66 -23.92
C SER A 10 -5.57 11.95 -24.76
N ASN A 11 -4.40 12.24 -25.30
CA ASN A 11 -4.24 13.42 -26.15
C ASN A 11 -3.32 13.09 -27.31
N ARG A 12 -3.47 13.79 -28.43
CA ARG A 12 -2.62 13.53 -29.58
C ARG A 12 -1.38 14.44 -29.61
N SER A 13 -0.29 13.92 -30.16
CA SER A 13 0.96 14.68 -30.29
C SER A 13 1.83 13.96 -31.29
N ASP A 14 3.06 14.44 -31.44
CA ASP A 14 4.04 13.71 -32.22
CA ASP A 14 4.08 13.74 -32.21
C ASP A 14 4.44 12.45 -31.47
N ARG A 15 5.13 11.54 -32.15
CA ARG A 15 5.47 10.22 -31.57
C ARG A 15 6.07 10.31 -30.17
N VAL A 16 5.45 9.63 -29.21
CA VAL A 16 5.93 9.65 -27.83
C VAL A 16 6.87 8.47 -27.60
N LYS A 17 8.14 8.77 -27.28
CA LYS A 17 9.16 7.76 -27.12
C LYS A 17 9.46 7.43 -25.65
N GLY A 18 9.24 8.38 -24.77
CA GLY A 18 9.51 8.16 -23.35
C GLY A 18 8.32 8.65 -22.53
N ILE A 19 8.07 8.04 -21.37
CA ILE A 19 6.92 8.43 -20.57
C ILE A 19 7.18 8.10 -19.10
N ASP A 20 6.68 8.91 -18.17
CA ASP A 20 6.92 8.64 -16.75
C ASP A 20 5.85 9.31 -15.90
N PHE A 21 5.53 8.73 -14.74
CA PHE A 21 4.60 9.34 -13.78
C PHE A 21 5.33 10.04 -12.65
N HIS A 22 4.83 11.20 -12.24
CA HIS A 22 5.29 11.83 -11.01
C HIS A 22 4.67 11.06 -9.83
N PRO A 23 5.45 10.83 -8.75
CA PRO A 23 4.97 9.98 -7.65
C PRO A 23 3.94 10.63 -6.72
N THR A 24 3.85 11.96 -6.72
CA THR A 24 2.96 12.64 -5.77
C THR A 24 2.08 13.70 -6.42
N GLU A 25 2.46 14.17 -7.60
CA GLU A 25 1.61 15.05 -8.37
C GLU A 25 0.96 14.24 -9.49
N PRO A 26 -0.30 14.54 -9.84
CA PRO A 26 -0.99 13.78 -10.89
C PRO A 26 -0.48 14.20 -12.27
N TRP A 27 0.81 14.00 -12.50
CA TRP A 27 1.47 14.44 -13.73
C TRP A 27 2.04 13.27 -14.51
N VAL A 28 2.02 13.39 -15.83
CA VAL A 28 2.74 12.46 -16.69
C VAL A 28 3.70 13.28 -17.57
N LEU A 29 4.93 12.81 -17.71
CA LEU A 29 5.91 13.41 -18.59
C LEU A 29 5.94 12.60 -19.88
N THR A 30 5.90 13.27 -21.03
CA THR A 30 6.10 12.55 -22.30
C THR A 30 7.29 13.18 -23.01
N THR A 31 8.08 12.35 -23.68
CA THR A 31 9.22 12.88 -24.43
C THR A 31 9.05 12.45 -25.87
N LEU A 32 9.22 13.40 -26.79
CA LEU A 32 8.75 13.21 -28.17
C LEU A 32 9.86 13.06 -29.22
N TYR A 33 9.56 12.40 -30.33
CA TYR A 33 10.50 12.21 -31.43
C TYR A 33 10.91 13.56 -32.04
N SER A 34 10.07 14.57 -31.82
CA SER A 34 10.30 15.92 -32.34
C SER A 34 11.30 16.75 -31.54
N GLY A 35 11.70 16.24 -30.36
CA GLY A 35 12.57 17.00 -29.48
C GLY A 35 11.84 17.75 -28.39
N ARG A 36 10.50 17.66 -28.41
CA ARG A 36 9.66 18.33 -27.43
C ARG A 36 9.41 17.40 -26.25
N VAL A 37 9.23 17.97 -25.06
CA VAL A 37 8.75 17.22 -23.90
C VAL A 37 7.54 17.92 -23.30
N GLU A 38 6.56 17.15 -22.84
CA GLU A 38 5.35 17.72 -22.28
C GLU A 38 5.13 17.19 -20.88
N LEU A 39 4.68 18.06 -19.97
CA LEU A 39 4.28 17.64 -18.62
C LEU A 39 2.79 17.96 -18.49
N TRP A 40 1.97 16.91 -18.37
CA TRP A 40 0.52 17.06 -18.30
C TRP A 40 -0.04 16.69 -16.95
N ASN A 41 -0.95 17.50 -16.45
CA ASN A 41 -1.80 17.06 -15.34
C ASN A 41 -2.95 16.26 -15.94
N TYR A 42 -2.95 14.93 -15.75
CA TYR A 42 -3.93 14.08 -16.43
C TYR A 42 -5.29 14.07 -15.75
N GLU A 43 -5.36 14.65 -14.56
CA GLU A 43 -6.65 14.76 -13.88
C GLU A 43 -7.41 16.03 -14.31
N THR A 44 -6.70 17.14 -14.43
CA THR A 44 -7.33 18.37 -14.93
C THR A 44 -7.22 18.46 -16.46
N GLN A 45 -6.30 17.69 -17.04
CA GLN A 45 -6.04 17.71 -18.50
C GLN A 45 -5.52 19.07 -18.97
N VAL A 46 -4.58 19.61 -18.20
CA VAL A 46 -3.97 20.88 -18.49
C VAL A 46 -2.46 20.70 -18.46
N GLU A 47 -1.78 21.27 -19.44
CA GLU A 47 -0.34 21.15 -19.54
C GLU A 47 0.30 21.98 -18.45
N VAL A 48 1.09 21.34 -17.61
CA VAL A 48 1.80 22.00 -16.52
C VAL A 48 2.95 22.83 -17.09
N ARG A 49 3.71 22.22 -17.99
CA ARG A 49 4.88 22.85 -18.56
C ARG A 49 5.27 22.05 -19.78
N SER A 50 5.85 22.70 -20.78
CA SER A 50 6.43 21.97 -21.91
C SER A 50 7.68 22.68 -22.38
N ILE A 51 8.57 21.94 -23.03
CA ILE A 51 9.86 22.46 -23.44
C ILE A 51 10.27 21.91 -24.80
N GLN A 52 10.72 22.78 -25.70
CA GLN A 52 11.36 22.29 -26.92
C GLN A 52 12.83 22.08 -26.57
N VAL A 53 13.20 20.84 -26.26
CA VAL A 53 14.52 20.56 -25.70
C VAL A 53 15.62 20.62 -26.75
N THR A 54 15.30 20.11 -27.94
CA THR A 54 16.27 19.93 -29.01
C THR A 54 15.48 19.67 -30.29
N GLU A 55 16.15 19.47 -31.41
CA GLU A 55 15.43 19.16 -32.65
C GLU A 55 15.47 17.67 -32.98
N THR A 56 16.20 16.91 -32.18
CA THR A 56 16.36 15.46 -32.38
C THR A 56 15.40 14.70 -31.46
N PRO A 57 15.18 13.41 -31.73
CA PRO A 57 14.32 12.61 -30.83
C PRO A 57 14.81 12.63 -29.38
N VAL A 58 13.87 12.72 -28.44
CA VAL A 58 14.17 12.57 -27.02
C VAL A 58 13.60 11.21 -26.61
N ARG A 59 14.44 10.17 -26.59
CA ARG A 59 13.97 8.80 -26.37
C ARG A 59 13.73 8.41 -24.92
N ALA A 60 14.31 9.16 -23.99
CA ALA A 60 14.25 8.78 -22.58
C ALA A 60 13.90 9.97 -21.72
N GLY A 61 13.03 9.77 -20.73
CA GLY A 61 12.76 10.82 -19.76
C GLY A 61 12.21 10.28 -18.45
N LYS A 62 12.76 10.77 -17.34
CA LYS A 62 12.30 10.37 -16.01
C LYS A 62 12.16 11.57 -15.10
N PHE A 63 11.23 11.47 -14.17
CA PHE A 63 11.20 12.40 -13.06
C PHE A 63 12.28 12.05 -12.06
N ILE A 64 12.82 13.08 -11.41
CA ILE A 64 13.59 12.90 -10.18
C ILE A 64 12.89 13.80 -9.18
N ALA A 65 11.85 13.25 -8.55
CA ALA A 65 10.93 14.07 -7.78
C ALA A 65 11.61 14.70 -6.59
N ARG A 66 12.54 13.97 -5.99
CA ARG A 66 13.22 14.44 -4.79
C ARG A 66 14.13 15.64 -5.07
N LYS A 67 14.33 15.98 -6.34
CA LYS A 67 15.09 17.18 -6.69
C LYS A 67 14.26 18.17 -7.52
N ASN A 68 12.98 17.84 -7.70
CA ASN A 68 12.09 18.59 -8.57
C ASN A 68 12.62 18.74 -9.99
N TRP A 69 13.17 17.65 -10.53
CA TRP A 69 13.77 17.66 -11.85
C TRP A 69 13.05 16.71 -12.80
N ILE A 70 13.21 16.97 -14.10
CA ILE A 70 13.08 15.91 -15.09
C ILE A 70 14.46 15.75 -15.69
N ILE A 71 14.79 14.53 -16.10
CA ILE A 71 16.04 14.27 -16.80
C ILE A 71 15.72 13.58 -18.12
N VAL A 72 16.32 14.06 -19.19
CA VAL A 72 16.01 13.53 -20.52
C VAL A 72 17.26 13.25 -21.33
N GLY A 73 17.16 12.30 -22.25
CA GLY A 73 18.29 11.98 -23.10
C GLY A 73 17.83 11.96 -24.55
N SER A 74 18.69 12.44 -25.44
CA SER A 74 18.26 12.63 -26.82
C SER A 74 19.30 12.16 -27.84
N ASP A 75 18.87 12.07 -29.10
CA ASP A 75 19.70 11.54 -30.17
C ASP A 75 20.85 12.46 -30.50
N ASP A 76 20.78 13.69 -30.03
CA ASP A 76 21.93 14.60 -30.19
C ASP A 76 23.07 14.35 -29.19
N PHE A 77 23.00 13.20 -28.50
CA PHE A 77 24.05 12.67 -27.61
C PHE A 77 24.00 13.25 -26.18
N ARG A 78 23.02 14.08 -25.89
CA ARG A 78 23.07 14.87 -24.68
C ARG A 78 22.07 14.44 -23.62
N ILE A 79 22.49 14.54 -22.37
CA ILE A 79 21.58 14.45 -21.23
C ILE A 79 21.34 15.88 -20.74
N ARG A 80 20.08 16.20 -20.50
CA ARG A 80 19.72 17.49 -19.94
C ARG A 80 18.77 17.30 -18.77
N VAL A 81 18.86 18.22 -17.81
CA VAL A 81 18.05 18.17 -16.62
C VAL A 81 17.39 19.52 -16.48
N PHE A 82 16.08 19.51 -16.24
CA PHE A 82 15.33 20.75 -16.06
C PHE A 82 14.63 20.73 -14.72
N ASN A 83 14.58 21.87 -14.04
CA ASN A 83 13.74 22.02 -12.86
C ASN A 83 12.31 22.21 -13.38
N TYR A 84 11.39 21.34 -12.99
CA TYR A 84 10.04 21.45 -13.52
C TYR A 84 9.17 22.54 -12.87
N ASN A 85 9.65 23.10 -11.77
CA ASN A 85 8.93 24.22 -11.13
C ASN A 85 9.27 25.57 -11.77
N THR A 86 10.53 25.74 -12.17
CA THR A 86 11.02 27.00 -12.70
C THR A 86 11.32 26.93 -14.20
N GLY A 87 11.61 25.73 -14.69
CA GLY A 87 11.99 25.56 -16.07
C GLY A 87 13.48 25.76 -16.24
N GLU A 88 14.20 26.02 -15.15
CA GLU A 88 15.64 26.22 -15.22
C GLU A 88 16.30 24.97 -15.80
N LYS A 89 17.10 25.14 -16.85
CA LYS A 89 17.92 24.03 -17.32
CA LYS A 89 17.93 24.03 -17.33
C LYS A 89 19.10 23.89 -16.37
N VAL A 90 19.13 22.79 -15.64
CA VAL A 90 20.11 22.58 -14.58
C VAL A 90 21.49 22.15 -15.10
N VAL A 91 21.49 21.17 -16.00
CA VAL A 91 22.71 20.66 -16.59
C VAL A 91 22.42 20.23 -18.04
N ASP A 92 23.44 20.25 -18.87
CA ASP A 92 23.33 19.85 -20.28
C ASP A 92 24.71 19.38 -20.69
N PHE A 93 24.89 18.06 -20.86
CA PHE A 93 26.20 17.55 -21.24
C PHE A 93 26.13 16.44 -22.28
N GLU A 94 27.19 16.31 -23.07
CA GLU A 94 27.27 15.16 -23.96
C GLU A 94 27.54 13.91 -23.11
N ALA A 95 26.67 12.91 -23.22
CA ALA A 95 26.77 11.73 -22.38
C ALA A 95 27.31 10.53 -23.13
N HIS A 96 26.93 10.38 -24.40
CA HIS A 96 27.41 9.27 -25.21
C HIS A 96 27.62 9.80 -26.61
N PRO A 97 28.51 9.18 -27.41
CA PRO A 97 28.66 9.65 -28.80
C PRO A 97 27.66 9.02 -29.78
N ASP A 98 26.51 8.60 -29.27
CA ASP A 98 25.47 7.99 -30.11
C ASP A 98 24.15 8.10 -29.36
N TYR A 99 23.09 7.59 -29.96
CA TYR A 99 21.72 7.72 -29.41
C TYR A 99 21.61 7.21 -27.97
N ILE A 100 20.85 7.93 -27.16
CA ILE A 100 20.56 7.49 -25.80
C ILE A 100 19.18 6.86 -25.83
N ARG A 101 19.09 5.61 -25.40
CA ARG A 101 17.84 4.84 -25.51
C ARG A 101 17.04 4.84 -24.22
N SER A 102 17.73 4.93 -23.09
CA SER A 102 17.08 4.61 -21.82
C SER A 102 17.79 5.28 -20.66
N ILE A 103 17.01 5.75 -19.70
CA ILE A 103 17.54 6.35 -18.49
C ILE A 103 16.85 5.76 -17.28
N ALA A 104 17.63 5.40 -16.27
CA ALA A 104 17.07 4.92 -15.01
C ALA A 104 17.64 5.71 -13.84
N VAL A 105 16.80 5.97 -12.85
CA VAL A 105 17.20 6.75 -11.68
C VAL A 105 17.18 5.84 -10.44
N HIS A 106 18.29 5.84 -9.69
CA HIS A 106 18.38 5.04 -8.46
C HIS A 106 17.28 5.49 -7.49
N PRO A 107 16.69 4.56 -6.74
CA PRO A 107 15.58 4.93 -5.85
C PRO A 107 15.98 5.84 -4.68
N THR A 108 17.22 5.77 -4.20
CA THR A 108 17.62 6.59 -3.04
C THR A 108 18.90 7.39 -3.23
N LYS A 109 19.84 6.85 -4.01
CA LYS A 109 21.16 7.43 -4.19
C LYS A 109 21.21 8.31 -5.44
N PRO A 110 22.12 9.29 -5.47
CA PRO A 110 22.07 10.30 -6.54
C PRO A 110 22.67 9.79 -7.85
N TYR A 111 22.22 8.61 -8.28
CA TYR A 111 22.79 7.94 -9.43
C TYR A 111 21.81 7.89 -10.62
N VAL A 112 22.31 8.16 -11.81
CA VAL A 112 21.54 7.94 -13.04
C VAL A 112 22.28 6.99 -13.97
N LEU A 113 21.58 6.02 -14.56
CA LEU A 113 22.16 5.17 -15.59
C LEU A 113 21.60 5.60 -16.93
N SER A 114 22.45 5.64 -17.94
CA SER A 114 22.01 5.85 -19.33
C SER A 114 22.53 4.69 -20.18
N GLY A 115 21.66 4.13 -21.02
CA GLY A 115 22.04 3.08 -21.95
C GLY A 115 22.02 3.65 -23.35
N SER A 116 23.01 3.26 -24.18
CA SER A 116 23.19 3.93 -25.46
C SER A 116 23.54 3.02 -26.63
N ASP A 117 23.36 3.54 -27.84
CA ASP A 117 23.79 2.83 -29.04
C ASP A 117 25.32 2.71 -29.14
N ASP A 118 26.04 3.45 -28.30
CA ASP A 118 27.50 3.29 -28.24
C ASP A 118 27.94 2.00 -27.52
N LEU A 119 26.98 1.12 -27.25
CA LEU A 119 27.19 -0.21 -26.67
C LEU A 119 27.44 -0.22 -25.14
N THR A 120 27.27 0.93 -24.48
CA THR A 120 27.63 1.04 -23.07
C THR A 120 26.45 1.43 -22.20
N VAL A 121 26.60 1.22 -20.89
CA VAL A 121 25.79 1.89 -19.91
C VAL A 121 26.71 2.80 -19.13
N LYS A 122 26.27 4.03 -18.84
CA LYS A 122 27.07 4.95 -18.04
C LYS A 122 26.34 5.35 -16.76
N LEU A 123 27.12 5.47 -15.68
CA LEU A 123 26.61 5.87 -14.37
C LEU A 123 27.06 7.30 -14.07
N TRP A 124 26.10 8.19 -13.83
CA TRP A 124 26.37 9.60 -13.52
C TRP A 124 25.97 9.90 -12.07
N ASN A 125 26.74 10.75 -11.38
CA ASN A 125 26.45 11.05 -9.98
C ASN A 125 26.18 12.54 -9.79
N TRP A 126 24.93 12.89 -9.48
CA TRP A 126 24.57 14.31 -9.43
C TRP A 126 25.06 15.04 -8.17
N GLU A 127 25.50 14.29 -7.17
CA GLU A 127 26.11 14.92 -5.99
C GLU A 127 27.61 15.08 -6.20
N ASN A 128 28.10 14.60 -7.33
CA ASN A 128 29.50 14.78 -7.72
C ASN A 128 29.57 15.50 -9.07
N ASN A 129 28.80 16.58 -9.20
CA ASN A 129 28.90 17.44 -10.37
C ASN A 129 28.45 16.73 -11.66
N TRP A 130 27.62 15.69 -11.53
CA TRP A 130 27.21 14.85 -12.68
C TRP A 130 28.38 14.14 -13.35
N ALA A 131 29.45 13.90 -12.59
CA ALA A 131 30.60 13.18 -13.13
C ALA A 131 30.23 11.79 -13.61
N LEU A 132 30.92 11.35 -14.67
CA LEU A 132 30.85 9.98 -15.12
C LEU A 132 31.63 9.16 -14.10
N GLU A 133 30.93 8.34 -13.34
CA GLU A 133 31.61 7.57 -12.31
C GLU A 133 31.95 6.16 -12.75
N GLN A 134 31.22 5.64 -13.74
CA GLN A 134 31.55 4.30 -14.24
C GLN A 134 30.97 4.07 -15.63
N THR A 135 31.69 3.34 -16.47
CA THR A 135 31.15 2.90 -17.75
C THR A 135 31.12 1.36 -17.81
N PHE A 136 29.96 0.80 -18.14
CA PHE A 136 29.81 -0.64 -18.17
C PHE A 136 29.94 -1.13 -19.59
N GLU A 137 31.04 -1.85 -19.86
CA GLU A 137 31.37 -2.32 -21.21
C GLU A 137 31.22 -3.84 -21.29
N GLY A 138 30.78 -4.32 -22.45
CA GLY A 138 30.59 -5.74 -22.62
C GLY A 138 29.51 -6.08 -23.64
N HIS A 139 28.49 -5.23 -23.75
CA HIS A 139 27.46 -5.49 -24.74
C HIS A 139 28.02 -5.31 -26.14
N GLU A 140 27.39 -5.97 -27.12
CA GLU A 140 27.90 -5.97 -28.47
C GLU A 140 26.94 -5.33 -29.47
N HIS A 141 25.87 -4.73 -28.98
CA HIS A 141 24.96 -3.99 -29.84
C HIS A 141 24.28 -2.90 -28.99
N PHE A 142 23.30 -2.20 -29.56
CA PHE A 142 22.66 -1.06 -28.91
C PHE A 142 22.05 -1.48 -27.58
N VAL A 143 22.33 -0.73 -26.51
CA VAL A 143 21.72 -0.99 -25.21
C VAL A 143 20.38 -0.25 -25.19
N MET A 144 19.29 -1.01 -25.18
CA MET A 144 17.96 -0.46 -25.40
C MET A 144 17.25 -0.09 -24.11
N CYS A 145 17.71 -0.63 -22.98
CA CYS A 145 16.97 -0.45 -21.73
C CYS A 145 17.83 -0.75 -20.52
N VAL A 146 17.75 0.13 -19.53
CA VAL A 146 18.40 -0.10 -18.24
C VAL A 146 17.36 0.02 -17.13
N ALA A 147 17.50 -0.82 -16.11
CA ALA A 147 16.55 -0.85 -15.00
C ALA A 147 17.25 -1.35 -13.76
N PHE A 148 17.15 -0.60 -12.67
CA PHE A 148 17.71 -1.04 -11.39
C PHE A 148 16.83 -2.15 -10.85
N ASN A 149 17.43 -3.08 -10.11
CA ASN A 149 16.64 -4.04 -9.35
C ASN A 149 16.11 -3.32 -8.11
N PRO A 150 14.78 -3.15 -8.02
CA PRO A 150 14.23 -2.35 -6.92
C PRO A 150 14.45 -2.99 -5.55
N LYS A 151 14.67 -4.31 -5.54
CA LYS A 151 14.90 -5.03 -4.30
C LYS A 151 16.37 -5.01 -3.89
N ASP A 152 17.23 -4.67 -4.85
CA ASP A 152 18.67 -4.54 -4.61
C ASP A 152 19.27 -3.62 -5.66
N PRO A 153 19.11 -2.31 -5.46
CA PRO A 153 19.54 -1.35 -6.48
C PRO A 153 21.04 -1.08 -6.49
N SER A 154 21.83 -1.90 -5.80
CA SER A 154 23.28 -1.93 -6.04
C SER A 154 23.52 -2.70 -7.34
N THR A 155 22.46 -3.32 -7.85
CA THR A 155 22.51 -4.06 -9.12
C THR A 155 21.49 -3.49 -10.10
N PHE A 156 21.72 -3.71 -11.39
CA PHE A 156 20.80 -3.26 -12.43
C PHE A 156 20.94 -4.16 -13.65
N ALA A 157 19.91 -4.13 -14.52
CA ALA A 157 19.90 -4.95 -15.73
C ALA A 157 19.98 -4.09 -16.98
N SER A 158 20.72 -4.56 -17.98
CA SER A 158 20.71 -3.89 -19.27
C SER A 158 20.20 -4.85 -20.34
N GLY A 159 19.24 -4.37 -21.13
CA GLY A 159 18.66 -5.15 -22.21
C GLY A 159 19.25 -4.69 -23.53
N CYS A 160 19.70 -5.62 -24.37
CA CYS A 160 20.51 -5.23 -25.53
C CYS A 160 20.10 -5.96 -26.80
N LEU A 161 20.27 -5.29 -27.95
CA LEU A 161 20.01 -5.90 -29.25
C LEU A 161 20.98 -7.06 -29.55
N ASP A 162 22.00 -7.23 -28.72
CA ASP A 162 22.90 -8.37 -28.88
C ASP A 162 22.30 -9.68 -28.32
N ARG A 163 21.00 -9.62 -28.00
CA ARG A 163 20.19 -10.76 -27.54
C ARG A 163 20.39 -11.13 -26.08
N THR A 164 21.11 -10.30 -25.33
CA THR A 164 21.35 -10.64 -23.93
C THR A 164 20.76 -9.61 -23.00
N VAL A 165 20.58 -10.03 -21.75
CA VAL A 165 20.45 -9.12 -20.64
C VAL A 165 21.71 -9.28 -19.79
N LYS A 166 22.36 -8.19 -19.47
CA LYS A 166 23.47 -8.29 -18.51
C LYS A 166 23.08 -7.66 -17.18
N VAL A 167 23.35 -8.37 -16.09
CA VAL A 167 23.10 -7.82 -14.76
C VAL A 167 24.42 -7.45 -14.10
N TRP A 168 24.49 -6.22 -13.59
CA TRP A 168 25.77 -5.66 -13.12
C TRP A 168 25.66 -5.19 -11.67
N SER A 169 26.80 -5.10 -10.99
CA SER A 169 26.88 -4.46 -9.69
C SER A 169 27.62 -3.12 -9.78
N LEU A 170 27.06 -2.07 -9.18
CA LEU A 170 27.72 -0.77 -9.17
C LEU A 170 29.09 -0.93 -8.55
N GLY A 171 30.12 -0.41 -9.23
CA GLY A 171 31.47 -0.48 -8.71
C GLY A 171 32.27 -1.67 -9.23
N GLN A 172 31.62 -2.55 -10.00
CA GLN A 172 32.30 -3.70 -10.61
C GLN A 172 32.17 -3.68 -12.13
N SER A 173 33.22 -4.13 -12.82
CA SER A 173 33.39 -3.86 -14.25
C SER A 173 32.83 -4.89 -15.21
N THR A 174 32.52 -6.09 -14.73
CA THR A 174 31.98 -7.13 -15.60
C THR A 174 30.63 -7.57 -15.07
N PRO A 175 29.81 -8.19 -15.94
CA PRO A 175 28.47 -8.55 -15.44
C PRO A 175 28.52 -9.63 -14.38
N ASN A 176 27.61 -9.53 -13.42
CA ASN A 176 27.38 -10.59 -12.46
C ASN A 176 26.99 -11.85 -13.22
N PHE A 177 26.16 -11.67 -14.23
CA PHE A 177 25.89 -12.73 -15.20
C PHE A 177 25.37 -12.16 -16.50
N THR A 178 25.47 -12.95 -17.56
CA THR A 178 24.90 -12.59 -18.85
C THR A 178 23.83 -13.62 -19.19
N LEU A 179 22.60 -13.14 -19.41
CA LEU A 179 21.48 -14.03 -19.67
C LEU A 179 21.20 -14.03 -21.16
N THR A 180 21.27 -15.21 -21.78
CA THR A 180 21.05 -15.34 -23.21
C THR A 180 19.57 -15.64 -23.37
N THR A 181 18.88 -14.84 -24.19
CA THR A 181 17.42 -14.89 -24.18
C THR A 181 16.80 -15.79 -25.24
N GLY A 182 17.55 -16.12 -26.28
CA GLY A 182 16.98 -16.86 -27.40
C GLY A 182 16.00 -16.00 -28.17
N GLN A 183 15.99 -14.71 -27.85
CA GLN A 183 15.20 -13.72 -28.59
C GLN A 183 16.10 -13.11 -29.64
N GLU A 184 16.08 -13.71 -30.83
CA GLU A 184 17.16 -13.53 -31.80
C GLU A 184 17.25 -12.15 -32.45
N ARG A 185 16.15 -11.40 -32.42
CA ARG A 185 16.13 -10.05 -32.95
C ARG A 185 16.54 -9.01 -31.89
N GLY A 186 17.01 -9.50 -30.74
CA GLY A 186 17.48 -8.61 -29.68
C GLY A 186 16.45 -8.33 -28.60
N VAL A 187 16.89 -7.66 -27.55
CA VAL A 187 16.03 -7.29 -26.43
C VAL A 187 15.78 -5.77 -26.46
N ASN A 188 14.51 -5.37 -26.50
CA ASN A 188 14.13 -3.96 -26.51
C ASN A 188 13.88 -3.39 -25.12
N TYR A 189 13.65 -4.25 -24.15
CA TYR A 189 13.20 -3.78 -22.86
C TYR A 189 13.46 -4.83 -21.81
N VAL A 190 13.70 -4.39 -20.58
CA VAL A 190 13.86 -5.30 -19.45
C VAL A 190 13.28 -4.63 -18.21
N ASP A 191 12.58 -5.41 -17.40
CA ASP A 191 11.93 -4.90 -16.20
C ASP A 191 12.02 -5.94 -15.11
N TYR A 192 12.12 -5.51 -13.85
CA TYR A 192 12.09 -6.44 -12.72
C TYR A 192 10.71 -6.53 -12.09
N TYR A 193 10.32 -7.74 -11.71
CA TYR A 193 9.18 -7.94 -10.81
C TYR A 193 9.56 -7.34 -9.46
N PRO A 194 8.71 -6.45 -8.93
CA PRO A 194 9.16 -5.65 -7.78
C PRO A 194 8.95 -6.30 -6.41
N LEU A 195 8.23 -7.41 -6.35
CA LEU A 195 7.88 -8.03 -5.07
C LEU A 195 8.86 -9.14 -4.72
N PRO A 196 9.07 -9.38 -3.42
CA PRO A 196 10.15 -10.28 -2.98
C PRO A 196 9.86 -11.77 -3.16
N ASP A 197 8.69 -12.14 -3.67
CA ASP A 197 8.36 -13.57 -3.74
C ASP A 197 8.89 -14.27 -5.00
N LYS A 198 9.24 -13.51 -6.02
CA LYS A 198 9.80 -14.08 -7.23
C LYS A 198 11.02 -13.27 -7.67
N PRO A 199 12.13 -13.97 -7.97
CA PRO A 199 13.30 -13.27 -8.51
C PRO A 199 13.14 -13.17 -10.02
N TYR A 200 12.17 -12.38 -10.49
CA TYR A 200 11.84 -12.38 -11.91
C TYR A 200 12.23 -11.11 -12.65
N MET A 201 12.67 -11.28 -13.89
CA MET A 201 12.75 -10.17 -14.83
C MET A 201 11.99 -10.54 -16.11
N ILE A 202 11.71 -9.55 -16.95
CA ILE A 202 10.94 -9.81 -18.17
C ILE A 202 11.55 -9.04 -19.34
N THR A 203 11.58 -9.66 -20.52
CA THR A 203 12.18 -9.05 -21.70
C THR A 203 11.24 -9.03 -22.89
N ALA A 204 11.33 -7.96 -23.67
CA ALA A 204 10.50 -7.80 -24.87
C ALA A 204 11.39 -7.74 -26.11
N SER A 205 10.92 -8.30 -27.22
CA SER A 205 11.74 -8.41 -28.41
C SER A 205 11.01 -8.15 -29.71
N ASP A 206 11.76 -7.76 -30.74
CA ASP A 206 11.25 -7.68 -32.09
C ASP A 206 10.81 -9.05 -32.61
N ASP A 207 11.23 -10.12 -31.94
CA ASP A 207 10.88 -11.46 -32.40
C ASP A 207 9.45 -11.87 -32.03
N LEU A 208 8.67 -10.89 -31.57
CA LEU A 208 7.25 -11.03 -31.18
C LEU A 208 7.00 -11.68 -29.82
N THR A 209 8.07 -12.00 -29.10
CA THR A 209 7.91 -12.66 -27.82
C THR A 209 8.22 -11.77 -26.64
N ILE A 210 7.65 -12.16 -25.51
CA ILE A 210 7.96 -11.62 -24.22
C ILE A 210 8.38 -12.81 -23.39
N LYS A 211 9.49 -12.71 -22.68
CA LYS A 211 9.91 -13.83 -21.83
C LYS A 211 10.13 -13.47 -20.38
N ILE A 212 9.69 -14.36 -19.49
CA ILE A 212 9.85 -14.19 -18.06
C ILE A 212 11.05 -15.04 -17.60
N TRP A 213 11.91 -14.46 -16.76
CA TRP A 213 13.16 -15.11 -16.34
C TRP A 213 13.31 -15.17 -14.84
N ASP A 214 13.80 -16.31 -14.35
CA ASP A 214 14.34 -16.40 -13.00
C ASP A 214 15.77 -15.89 -13.11
N TYR A 215 16.08 -14.78 -12.46
CA TYR A 215 17.43 -14.22 -12.59
C TYR A 215 18.45 -14.88 -11.67
N GLN A 216 17.98 -15.77 -10.81
CA GLN A 216 18.89 -16.50 -9.95
C GLN A 216 19.40 -17.76 -10.66
N THR A 217 18.53 -18.41 -11.43
CA THR A 217 18.94 -19.60 -12.20
C THR A 217 19.19 -19.33 -13.67
N LYS A 218 18.68 -18.19 -14.16
CA LYS A 218 18.73 -17.79 -15.58
C LYS A 218 17.75 -18.54 -16.50
N SER A 219 16.90 -19.38 -15.92
CA SER A 219 15.96 -20.15 -16.73
C SER A 219 14.79 -19.31 -17.22
N CYS A 220 14.35 -19.57 -18.45
CA CYS A 220 13.08 -19.03 -18.93
C CYS A 220 11.92 -19.68 -18.18
N VAL A 221 11.08 -18.85 -17.58
CA VAL A 221 9.92 -19.33 -16.83
C VAL A 221 8.73 -19.52 -17.76
N ALA A 222 8.58 -18.58 -18.69
CA ALA A 222 7.48 -18.63 -19.64
C ALA A 222 7.77 -17.72 -20.82
N THR A 223 7.11 -18.01 -21.93
CA THR A 223 7.19 -17.18 -23.12
C THR A 223 5.78 -16.73 -23.45
N LEU A 224 5.57 -15.43 -23.56
CA LEU A 224 4.25 -14.87 -23.83
C LEU A 224 4.13 -14.54 -25.31
N GLU A 225 3.22 -15.21 -26.00
CA GLU A 225 3.06 -15.02 -27.42
C GLU A 225 1.71 -14.43 -27.77
N GLY A 226 1.67 -13.65 -28.84
CA GLY A 226 0.41 -13.12 -29.29
C GLY A 226 0.49 -11.73 -29.89
N HIS A 227 1.52 -10.97 -29.54
CA HIS A 227 1.74 -9.71 -30.24
C HIS A 227 2.11 -10.09 -31.66
N MET A 228 1.68 -9.28 -32.61
CA MET A 228 1.82 -9.60 -34.03
C MET A 228 2.82 -8.70 -34.71
N SER A 229 3.52 -7.91 -33.89
CA SER A 229 4.60 -7.09 -34.38
CA SER A 229 4.56 -7.00 -34.35
C SER A 229 5.59 -6.86 -33.26
N ASN A 230 6.68 -6.13 -33.55
CA ASN A 230 7.71 -5.85 -32.56
C ASN A 230 7.12 -5.51 -31.18
N VAL A 231 7.60 -6.17 -30.13
CA VAL A 231 7.14 -5.84 -28.77
C VAL A 231 8.07 -4.76 -28.20
N SER A 232 7.53 -3.57 -27.94
CA SER A 232 8.36 -2.44 -27.52
C SER A 232 8.76 -2.50 -26.05
N PHE A 233 7.86 -3.03 -25.23
CA PHE A 233 8.10 -3.13 -23.80
C PHE A 233 7.21 -4.21 -23.18
N ALA A 234 7.60 -4.67 -22.01
CA ALA A 234 6.75 -5.51 -21.16
C ALA A 234 7.16 -5.23 -19.73
N VAL A 235 6.19 -4.97 -18.85
CA VAL A 235 6.51 -4.66 -17.46
C VAL A 235 5.57 -5.39 -16.50
N PHE A 236 6.05 -5.66 -15.29
CA PHE A 236 5.21 -6.17 -14.23
C PHE A 236 4.51 -5.00 -13.55
N HIS A 237 3.23 -5.14 -13.27
CA HIS A 237 2.56 -4.09 -12.50
C HIS A 237 3.02 -4.22 -11.06
N PRO A 238 3.29 -3.09 -10.38
CA PRO A 238 3.90 -3.15 -9.05
C PRO A 238 3.00 -3.79 -7.98
N THR A 239 1.68 -3.72 -8.13
CA THR A 239 0.78 -4.22 -7.09
C THR A 239 -0.30 -5.19 -7.59
N LEU A 240 -0.63 -5.14 -8.88
CA LEU A 240 -1.61 -6.04 -9.47
C LEU A 240 -0.92 -7.24 -10.11
N PRO A 241 -1.53 -8.43 -10.00
CA PRO A 241 -0.94 -9.65 -10.56
C PRO A 241 -1.05 -9.69 -12.08
N ILE A 242 -0.46 -8.70 -12.75
CA ILE A 242 -0.52 -8.67 -14.22
C ILE A 242 0.79 -8.23 -14.87
N ILE A 243 0.92 -8.58 -16.14
CA ILE A 243 2.00 -8.05 -16.99
C ILE A 243 1.37 -7.16 -18.08
N ILE A 244 2.02 -6.04 -18.39
CA ILE A 244 1.52 -5.12 -19.39
C ILE A 244 2.55 -4.96 -20.48
N SER A 245 2.12 -5.12 -21.73
CA SER A 245 3.03 -4.97 -22.86
C SER A 245 2.42 -4.11 -23.94
N GLY A 246 3.26 -3.58 -24.83
CA GLY A 246 2.82 -2.76 -25.94
C GLY A 246 3.67 -3.07 -27.14
N SER A 247 3.13 -2.87 -28.34
CA SER A 247 3.76 -3.40 -29.54
C SER A 247 3.51 -2.46 -30.70
N GLU A 248 4.32 -2.60 -31.75
CA GLU A 248 4.09 -1.86 -32.98
C GLU A 248 2.83 -2.37 -33.69
N ASP A 249 2.19 -3.40 -33.14
CA ASP A 249 0.89 -3.83 -33.68
C ASP A 249 -0.23 -2.90 -33.25
N GLY A 250 0.13 -1.87 -32.49
CA GLY A 250 -0.82 -0.87 -32.04
C GLY A 250 -1.57 -1.23 -30.76
N THR A 251 -1.22 -2.37 -30.16
CA THR A 251 -1.98 -2.83 -28.99
C THR A 251 -1.22 -2.75 -27.69
N LEU A 252 -1.99 -2.61 -26.61
CA LEU A 252 -1.51 -2.90 -25.28
C LEU A 252 -2.11 -4.26 -24.90
N LYS A 253 -1.33 -5.11 -24.26
CA LYS A 253 -1.87 -6.36 -23.78
C LYS A 253 -1.64 -6.48 -22.29
N ILE A 254 -2.65 -7.00 -21.61
CA ILE A 254 -2.57 -7.27 -20.18
C ILE A 254 -2.59 -8.78 -20.01
N TRP A 255 -1.55 -9.31 -19.37
CA TRP A 255 -1.41 -10.76 -19.20
C TRP A 255 -1.52 -11.12 -17.73
N ASN A 256 -2.14 -12.26 -17.45
CA ASN A 256 -2.19 -12.84 -16.10
C ASN A 256 -0.78 -13.23 -15.70
N SER A 257 -0.29 -12.73 -14.57
CA SER A 257 1.11 -12.96 -14.22
C SER A 257 1.36 -14.30 -13.52
N SER A 258 0.30 -15.09 -13.36
CA SER A 258 0.45 -16.43 -12.80
C SER A 258 0.23 -17.52 -13.85
N THR A 259 -0.76 -17.33 -14.71
CA THR A 259 -1.05 -18.30 -15.76
C THR A 259 -0.36 -17.95 -17.07
N TYR A 260 0.06 -16.69 -17.19
CA TYR A 260 0.72 -16.19 -18.38
C TYR A 260 -0.17 -16.20 -19.61
N LYS A 261 -1.48 -16.18 -19.39
CA LYS A 261 -2.42 -16.02 -20.49
C LYS A 261 -2.90 -14.57 -20.60
N VAL A 262 -3.07 -14.12 -21.85
CA VAL A 262 -3.55 -12.77 -22.12
C VAL A 262 -4.96 -12.59 -21.54
N GLU A 263 -5.19 -11.47 -20.86
CA GLU A 263 -6.51 -11.22 -20.31
CA GLU A 263 -6.50 -11.17 -20.28
C GLU A 263 -7.26 -10.13 -21.09
N LYS A 264 -6.52 -9.17 -21.63
CA LYS A 264 -7.15 -8.09 -22.38
C LYS A 264 -6.19 -7.56 -23.45
N THR A 265 -6.75 -7.29 -24.62
CA THR A 265 -6.00 -6.61 -25.69
C THR A 265 -6.70 -5.29 -26.04
N LEU A 266 -5.96 -4.20 -26.02
CA LEU A 266 -6.57 -2.89 -26.23
C LEU A 266 -5.82 -2.11 -27.31
N ASN A 267 -6.53 -1.70 -28.36
CA ASN A 267 -5.96 -0.78 -29.34
C ASN A 267 -6.59 0.58 -29.14
N VAL A 268 -5.82 1.55 -28.65
CA VAL A 268 -6.38 2.83 -28.23
C VAL A 268 -6.46 3.76 -29.42
N GLY A 269 -5.94 3.30 -30.55
CA GLY A 269 -6.08 4.04 -31.79
C GLY A 269 -5.06 5.13 -32.00
N LEU A 270 -3.86 4.93 -31.46
CA LEU A 270 -2.79 5.91 -31.64
C LEU A 270 -1.64 5.35 -32.45
N GLU A 271 -1.92 4.30 -33.21
CA GLU A 271 -0.92 3.51 -33.95
C GLU A 271 0.11 2.87 -33.03
N ARG A 272 1.37 2.78 -33.47
CA ARG A 272 2.37 1.96 -32.78
C ARG A 272 2.65 2.41 -31.35
N SER A 273 2.73 1.46 -30.42
CA SER A 273 3.09 1.74 -29.02
C SER A 273 4.59 1.65 -28.82
N TRP A 274 5.17 2.60 -28.05
CA TRP A 274 6.61 2.65 -27.88
C TRP A 274 7.10 2.58 -26.43
N CYS A 275 6.29 3.08 -25.49
CA CYS A 275 6.78 3.24 -24.11
C CYS A 275 5.68 3.10 -23.07
N ILE A 276 6.08 2.88 -21.82
CA ILE A 276 5.12 2.52 -20.78
C ILE A 276 5.58 3.12 -19.46
N ALA A 277 4.62 3.44 -18.59
CA ALA A 277 4.93 3.80 -17.21
C ALA A 277 3.80 3.30 -16.35
N THR A 278 4.09 2.96 -15.09
CA THR A 278 3.04 2.63 -14.13
C THR A 278 3.24 3.55 -12.94
N HIS A 279 2.14 3.96 -12.32
CA HIS A 279 2.28 4.88 -11.18
C HIS A 279 3.07 4.22 -10.06
N PRO A 280 4.14 4.89 -9.59
CA PRO A 280 5.11 4.32 -8.64
C PRO A 280 4.46 3.63 -7.43
N THR A 281 3.31 4.12 -6.99
CA THR A 281 2.62 3.56 -5.83
C THR A 281 1.22 3.07 -6.16
N GLY A 282 0.96 2.81 -7.44
CA GLY A 282 -0.30 2.20 -7.83
C GLY A 282 -1.52 3.06 -7.60
N ARG A 283 -1.32 4.37 -7.50
CA ARG A 283 -2.43 5.29 -7.33
C ARG A 283 -3.45 5.09 -8.46
N LYS A 284 -4.70 4.81 -8.07
CA LYS A 284 -5.80 4.51 -8.99
C LYS A 284 -5.42 3.49 -10.08
N ASN A 285 -4.43 2.65 -9.79
CA ASN A 285 -3.87 1.72 -10.76
C ASN A 285 -3.67 2.39 -12.11
N TYR A 286 -3.09 3.59 -12.09
CA TYR A 286 -2.79 4.33 -13.31
C TYR A 286 -1.62 3.72 -14.07
N ILE A 287 -1.77 3.60 -15.38
CA ILE A 287 -0.66 3.31 -16.29
C ILE A 287 -0.73 4.31 -17.43
N ALA A 288 0.37 4.48 -18.16
CA ALA A 288 0.38 5.39 -19.29
C ALA A 288 1.22 4.80 -20.40
N SER A 289 0.79 4.98 -21.64
CA SER A 289 1.62 4.52 -22.76
C SER A 289 1.75 5.61 -23.82
N GLY A 290 2.91 5.67 -24.47
CA GLY A 290 3.16 6.61 -25.55
C GLY A 290 3.22 5.91 -26.89
N PHE A 291 2.72 6.59 -27.92
CA PHE A 291 2.48 6.00 -29.24
C PHE A 291 2.87 6.95 -30.36
N ASP A 292 2.87 6.45 -31.59
CA ASP A 292 3.05 7.29 -32.78
C ASP A 292 2.27 8.59 -32.73
N ASN A 293 1.01 8.53 -32.34
CA ASN A 293 0.15 9.71 -32.41
C ASN A 293 -0.29 10.34 -31.10
N GLY A 294 0.35 9.98 -29.99
CA GLY A 294 0.07 10.67 -28.75
C GLY A 294 0.24 9.74 -27.56
N PHE A 295 -0.47 10.04 -26.47
CA PHE A 295 -0.36 9.19 -25.29
C PHE A 295 -1.73 8.89 -24.69
N THR A 296 -1.78 7.91 -23.80
CA THR A 296 -2.99 7.69 -23.03
C THR A 296 -2.65 7.36 -21.60
N VAL A 297 -3.46 7.88 -20.69
CA VAL A 297 -3.40 7.50 -19.29
C VAL A 297 -4.65 6.70 -18.96
N LEU A 298 -4.46 5.50 -18.42
CA LEU A 298 -5.58 4.60 -18.12
C LEU A 298 -5.57 4.24 -16.63
N SER A 299 -6.76 4.03 -16.08
CA SER A 299 -6.90 3.44 -14.75
C SER A 299 -7.31 1.98 -14.96
N LEU A 300 -6.59 1.04 -14.35
CA LEU A 300 -6.87 -0.38 -14.57
C LEU A 300 -7.98 -0.94 -13.67
N GLY A 301 -8.43 -0.15 -12.72
CA GLY A 301 -9.51 -0.56 -11.85
C GLY A 301 -9.31 -0.06 -10.43
N ASN A 302 -10.08 -0.61 -9.49
CA ASN A 302 -10.15 -0.06 -8.14
C ASN A 302 -9.48 -0.93 -7.08
N ASP A 303 -8.79 -1.98 -7.49
CA ASP A 303 -8.13 -2.83 -6.51
C ASP A 303 -7.05 -2.04 -5.75
N GLU A 304 -7.04 -2.19 -4.43
CA GLU A 304 -6.11 -1.42 -3.57
C GLU A 304 -4.63 -1.67 -3.85
N HIS A 305 -3.82 -0.62 -3.68
CA HIS A 305 -2.38 -0.66 -3.91
C HIS A 305 -1.63 -1.02 -2.62
N HIS A 306 -2.33 -0.95 -1.50
CA HIS A 306 -1.74 -1.20 -0.18
C HIS A 306 -2.74 -2.11 0.51
N HIS A 307 -2.31 -3.21 1.10
CA HIS A 307 -3.26 -4.14 1.71
C HIS A 307 -4.07 -3.44 2.78
N HIS A 308 -5.38 -3.70 2.78
CA HIS A 308 -6.28 -3.04 3.74
C HIS A 308 -6.11 -1.52 3.69
N HIS A 309 -6.21 -0.97 2.48
CA HIS A 309 -6.11 0.47 2.27
C HIS A 309 -7.37 1.23 2.70
N HIS A 310 -8.55 0.64 2.49
CA HIS A 310 -9.80 1.29 2.87
C HIS A 310 -9.93 1.33 4.38
N MET B 1 -29.72 -13.85 29.82
CA MET B 1 -29.87 -12.54 29.17
C MET B 1 -31.04 -12.55 28.19
N LYS B 2 -31.35 -11.36 27.68
CA LYS B 2 -32.39 -11.16 26.66
C LYS B 2 -31.95 -10.08 25.69
N LEU B 3 -31.60 -10.49 24.47
CA LEU B 3 -31.20 -9.53 23.44
C LEU B 3 -32.44 -8.74 23.02
N ASP B 4 -32.37 -7.42 23.21
CA ASP B 4 -33.46 -6.51 22.85
C ASP B 4 -32.82 -5.24 22.29
N ILE B 5 -32.47 -5.29 21.01
CA ILE B 5 -31.64 -4.24 20.41
C ILE B 5 -32.45 -2.99 20.04
N LYS B 6 -32.00 -1.85 20.55
CA LYS B 6 -32.60 -0.57 20.20
C LYS B 6 -31.53 0.35 19.63
N LYS B 7 -31.89 1.09 18.58
CA LYS B 7 -30.97 2.09 18.05
C LYS B 7 -30.98 3.32 18.94
N THR B 8 -29.89 3.56 19.64
CA THR B 8 -29.77 4.74 20.48
C THR B 8 -29.56 5.99 19.61
N PHE B 9 -28.62 5.88 18.68
CA PHE B 9 -28.23 7.01 17.84
C PHE B 9 -27.38 6.53 16.66
N SER B 10 -27.83 6.83 15.45
CA SER B 10 -27.02 6.61 14.27
C SER B 10 -26.91 7.93 13.51
N ASN B 11 -25.71 8.22 13.00
CA ASN B 11 -25.52 9.39 12.16
C ASN B 11 -24.61 9.05 11.00
N ARG B 12 -24.79 9.72 9.87
CA ARG B 12 -23.96 9.43 8.72
C ARG B 12 -22.76 10.36 8.63
N SER B 13 -21.68 9.85 8.02
CA SER B 13 -20.43 10.60 7.89
C SER B 13 -19.52 9.89 6.91
N ASP B 14 -18.30 10.39 6.74
CA ASP B 14 -17.32 9.64 5.96
CA ASP B 14 -17.32 9.63 5.97
C ASP B 14 -16.93 8.41 6.77
N ARG B 15 -16.26 7.48 6.10
CA ARG B 15 -15.90 6.18 6.69
C ARG B 15 -15.30 6.27 8.09
N VAL B 16 -15.94 5.61 9.05
CA VAL B 16 -15.45 5.58 10.44
C VAL B 16 -14.51 4.39 10.62
N LYS B 17 -13.25 4.67 10.98
CA LYS B 17 -12.21 3.66 11.10
C LYS B 17 -11.92 3.29 12.56
N GLY B 18 -12.14 4.24 13.46
CA GLY B 18 -11.89 4.03 14.87
C GLY B 18 -13.09 4.49 15.66
N ILE B 19 -13.36 3.86 16.81
CA ILE B 19 -14.50 4.25 17.62
C ILE B 19 -14.27 3.88 19.09
N ASP B 20 -14.78 4.68 20.03
CA ASP B 20 -14.53 4.43 21.45
C ASP B 20 -15.59 5.10 22.32
N PHE B 21 -15.92 4.48 23.44
CA PHE B 21 -16.86 5.07 24.41
C PHE B 21 -16.09 5.77 25.52
N HIS B 22 -16.59 6.94 25.92
CA HIS B 22 -16.10 7.58 27.13
C HIS B 22 -16.72 6.83 28.31
N PRO B 23 -15.95 6.60 29.37
CA PRO B 23 -16.44 5.77 30.48
C PRO B 23 -17.42 6.44 31.44
N THR B 24 -17.50 7.77 31.46
CA THR B 24 -18.40 8.47 32.40
C THR B 24 -19.31 9.50 31.74
N GLU B 25 -18.91 9.99 30.56
CA GLU B 25 -19.76 10.87 29.79
C GLU B 25 -20.44 10.05 28.69
N PRO B 26 -21.71 10.37 28.36
CA PRO B 26 -22.41 9.64 27.31
C PRO B 26 -21.88 10.02 25.93
N TRP B 27 -20.58 9.85 25.72
CA TRP B 27 -19.96 10.25 24.47
C TRP B 27 -19.36 9.07 23.73
N VAL B 28 -19.37 9.16 22.41
CA VAL B 28 -18.61 8.25 21.56
C VAL B 28 -17.64 9.08 20.73
N LEU B 29 -16.41 8.61 20.60
CA LEU B 29 -15.44 9.22 19.69
C LEU B 29 -15.43 8.42 18.39
N THR B 30 -15.45 9.11 17.26
CA THR B 30 -15.21 8.45 15.98
C THR B 30 -14.00 9.06 15.29
N THR B 31 -13.25 8.23 14.58
CA THR B 31 -12.12 8.72 13.77
C THR B 31 -12.32 8.30 12.33
N LEU B 32 -12.18 9.28 11.42
CA LEU B 32 -12.63 9.11 10.05
C LEU B 32 -11.50 8.99 9.02
N TYR B 33 -11.83 8.34 7.90
CA TYR B 33 -10.91 8.14 6.80
C TYR B 33 -10.49 9.49 6.22
N SER B 34 -11.35 10.49 6.42
CA SER B 34 -11.11 11.86 5.94
C SER B 34 -10.08 12.65 6.75
N GLY B 35 -9.70 12.17 7.93
CA GLY B 35 -8.78 12.90 8.78
C GLY B 35 -9.49 13.66 9.88
N ARG B 36 -10.81 13.62 9.83
CA ARG B 36 -11.66 14.25 10.83
C ARG B 36 -11.95 13.31 12.02
N VAL B 37 -12.11 13.88 13.20
CA VAL B 37 -12.60 13.12 14.35
C VAL B 37 -13.79 13.85 14.95
N GLU B 38 -14.76 13.07 15.44
CA GLU B 38 -15.99 13.64 15.98
C GLU B 38 -16.21 13.08 17.37
N LEU B 39 -16.68 13.93 18.28
CA LEU B 39 -17.09 13.47 19.62
C LEU B 39 -18.57 13.78 19.77
N TRP B 40 -19.39 12.72 19.94
CA TRP B 40 -20.83 12.89 20.01
C TRP B 40 -21.37 12.46 21.35
N ASN B 41 -22.28 13.27 21.90
CA ASN B 41 -23.10 12.84 23.02
C ASN B 41 -24.25 12.07 22.37
N TYR B 42 -24.30 10.75 22.54
CA TYR B 42 -25.29 9.92 21.84
C TYR B 42 -26.66 9.91 22.55
N GLU B 43 -26.73 10.50 23.74
CA GLU B 43 -28.00 10.62 24.45
C GLU B 43 -28.75 11.91 24.10
N THR B 44 -28.01 13.00 23.92
CA THR B 44 -28.63 14.26 23.49
C THR B 44 -28.52 14.43 21.98
N GLN B 45 -27.68 13.59 21.36
CA GLN B 45 -27.48 13.61 19.90
C GLN B 45 -26.95 14.97 19.44
N VAL B 46 -26.09 15.53 20.28
CA VAL B 46 -25.39 16.79 19.96
C VAL B 46 -23.89 16.56 19.96
N GLU B 47 -23.25 16.99 18.88
CA GLU B 47 -21.81 16.86 18.72
C GLU B 47 -21.13 17.73 19.77
N VAL B 48 -20.29 17.11 20.58
CA VAL B 48 -19.59 17.76 21.68
C VAL B 48 -18.41 18.61 21.17
N ARG B 49 -17.67 18.07 20.21
CA ARG B 49 -16.45 18.68 19.71
C ARG B 49 -16.04 17.88 18.49
N SER B 50 -15.41 18.54 17.53
CA SER B 50 -14.86 17.82 16.39
C SER B 50 -13.61 18.52 15.90
N ILE B 51 -12.71 17.77 15.27
CA ILE B 51 -11.43 18.29 14.84
C ILE B 51 -11.04 17.76 13.47
N GLN B 52 -10.59 18.64 12.57
CA GLN B 52 -9.96 18.17 11.35
C GLN B 52 -8.49 17.94 11.70
N VAL B 53 -8.13 16.69 11.98
CA VAL B 53 -6.80 16.42 12.52
C VAL B 53 -5.69 16.47 11.46
N THR B 54 -6.03 16.00 10.27
CA THR B 54 -5.06 15.82 9.19
C THR B 54 -5.89 15.57 7.94
N GLU B 55 -5.25 15.35 6.81
CA GLU B 55 -5.99 15.03 5.60
C GLU B 55 -5.94 13.54 5.29
N THR B 56 -5.19 12.79 6.11
CA THR B 56 -5.02 11.36 5.87
C THR B 56 -5.96 10.58 6.79
N PRO B 57 -6.19 9.30 6.49
CA PRO B 57 -7.07 8.54 7.38
C PRO B 57 -6.57 8.50 8.83
N VAL B 58 -7.49 8.67 9.78
CA VAL B 58 -7.19 8.45 11.19
C VAL B 58 -7.80 7.10 11.56
N ARG B 59 -6.97 6.05 11.57
CA ARG B 59 -7.47 4.69 11.76
C ARG B 59 -7.68 4.30 13.21
N ALA B 60 -7.10 5.04 14.15
CA ALA B 60 -7.18 4.62 15.55
C ALA B 60 -7.46 5.80 16.45
N GLY B 61 -8.30 5.60 17.47
CA GLY B 61 -8.53 6.66 18.43
C GLY B 61 -9.09 6.14 19.72
N LYS B 62 -8.58 6.65 20.83
CA LYS B 62 -9.10 6.24 22.13
C LYS B 62 -9.24 7.46 23.03
N PHE B 63 -10.19 7.38 23.96
CA PHE B 63 -10.20 8.27 25.13
C PHE B 63 -9.10 7.87 26.11
N ILE B 64 -8.49 8.87 26.75
CA ILE B 64 -7.76 8.65 27.99
C ILE B 64 -8.47 9.55 28.99
N ALA B 65 -9.51 9.00 29.61
CA ALA B 65 -10.45 9.81 30.37
C ALA B 65 -9.81 10.46 31.59
N ARG B 66 -8.88 9.76 32.21
CA ARG B 66 -8.22 10.27 33.41
C ARG B 66 -7.30 11.45 33.12
N LYS B 67 -7.08 11.75 31.84
CA LYS B 67 -6.25 12.89 31.44
C LYS B 67 -7.07 13.91 30.67
N ASN B 68 -8.36 13.62 30.48
CA ASN B 68 -9.22 14.38 29.59
C ASN B 68 -8.68 14.51 28.18
N TRP B 69 -8.15 13.41 27.64
CA TRP B 69 -7.58 13.44 26.31
C TRP B 69 -8.30 12.49 25.37
N ILE B 70 -8.14 12.74 24.08
CA ILE B 70 -8.27 11.69 23.08
C ILE B 70 -6.88 11.52 22.45
N ILE B 71 -6.53 10.28 22.08
CA ILE B 71 -5.28 10.03 21.35
C ILE B 71 -5.63 9.38 20.02
N VAL B 72 -5.03 9.85 18.94
CA VAL B 72 -5.39 9.31 17.63
C VAL B 72 -4.14 9.01 16.82
N GLY B 73 -4.26 8.09 15.87
CA GLY B 73 -3.16 7.75 14.99
C GLY B 73 -3.59 7.78 13.54
N SER B 74 -2.73 8.33 12.68
CA SER B 74 -3.11 8.53 11.27
C SER B 74 -2.08 8.03 10.26
N ASP B 75 -2.50 7.94 9.00
CA ASP B 75 -1.66 7.41 7.94
C ASP B 75 -0.50 8.34 7.60
N ASP B 76 -0.53 9.57 8.11
CA ASP B 76 0.60 10.48 7.93
C ASP B 76 1.75 10.20 8.91
N PHE B 77 1.69 9.06 9.59
CA PHE B 77 2.75 8.55 10.50
C PHE B 77 2.64 9.08 11.92
N ARG B 78 1.65 9.92 12.18
CA ARG B 78 1.66 10.70 13.41
C ARG B 78 0.68 10.21 14.47
N ILE B 79 1.13 10.28 15.71
CA ILE B 79 0.22 10.20 16.85
C ILE B 79 -0.01 11.61 17.38
N ARG B 80 -1.27 11.96 17.60
CA ARG B 80 -1.61 13.26 18.17
C ARG B 80 -2.54 13.07 19.34
N VAL B 81 -2.42 13.97 20.31
CA VAL B 81 -3.24 13.93 21.53
C VAL B 81 -3.89 15.30 21.67
N PHE B 82 -5.20 15.31 21.94
CA PHE B 82 -5.94 16.56 22.12
C PHE B 82 -6.66 16.54 23.46
N ASN B 83 -6.76 17.71 24.10
CA ASN B 83 -7.59 17.85 25.29
C ASN B 83 -9.02 18.06 24.78
N TYR B 84 -9.97 17.22 25.18
CA TYR B 84 -11.33 17.35 24.66
C TYR B 84 -12.16 18.44 25.36
N ASN B 85 -11.68 18.93 26.50
CA ASN B 85 -12.33 20.02 27.20
C ASN B 85 -11.89 21.38 26.66
N THR B 86 -10.59 21.56 26.52
CA THR B 86 -10.03 22.83 26.04
C THR B 86 -9.80 22.81 24.54
N GLY B 87 -9.59 21.63 23.97
CA GLY B 87 -9.40 21.52 22.54
C GLY B 87 -7.93 21.63 22.16
N GLU B 88 -7.07 21.84 23.16
CA GLU B 88 -5.65 22.04 22.88
C GLU B 88 -4.96 20.78 22.36
N LYS B 89 -4.15 20.93 21.30
CA LYS B 89 -3.33 19.81 20.86
CA LYS B 89 -3.32 19.84 20.85
C LYS B 89 -2.18 19.64 21.84
N VAL B 90 -2.18 18.51 22.54
CA VAL B 90 -1.23 18.25 23.61
C VAL B 90 0.15 17.81 23.10
N VAL B 91 0.16 16.98 22.07
CA VAL B 91 1.40 16.45 21.53
C VAL B 91 1.13 15.95 20.10
N ASP B 92 2.15 15.96 19.26
CA ASP B 92 2.02 15.61 17.84
C ASP B 92 3.39 15.10 17.43
N PHE B 93 3.55 13.79 17.31
CA PHE B 93 4.85 13.23 16.96
C PHE B 93 4.77 12.14 15.90
N GLU B 94 5.85 11.97 15.14
CA GLU B 94 5.91 10.85 14.21
C GLU B 94 6.16 9.57 15.01
N ALA B 95 5.27 8.60 14.85
CA ALA B 95 5.32 7.38 15.64
C ALA B 95 5.84 6.20 14.84
N HIS B 96 5.41 6.08 13.58
CA HIS B 96 5.82 4.96 12.73
C HIS B 96 5.90 5.47 11.31
N PRO B 97 6.81 4.90 10.50
CA PRO B 97 6.92 5.31 9.09
C PRO B 97 5.96 4.59 8.11
N ASP B 98 4.82 4.13 8.60
CA ASP B 98 3.77 3.55 7.76
C ASP B 98 2.47 3.68 8.53
N TYR B 99 1.37 3.13 8.00
CA TYR B 99 0.05 3.29 8.60
C TYR B 99 0.04 2.84 10.06
N ILE B 100 -0.62 3.61 10.90
CA ILE B 100 -0.88 3.21 12.28
C ILE B 100 -2.28 2.60 12.34
N ARG B 101 -2.36 1.35 12.74
CA ARG B 101 -3.61 0.60 12.67
C ARG B 101 -4.39 0.61 13.98
N SER B 102 -3.69 0.65 15.11
CA SER B 102 -4.37 0.34 16.36
C SER B 102 -3.66 1.03 17.49
N ILE B 103 -4.42 1.54 18.44
CA ILE B 103 -3.84 2.16 19.62
C ILE B 103 -4.52 1.56 20.86
N ALA B 104 -3.72 1.18 21.86
CA ALA B 104 -4.28 0.72 23.12
C ALA B 104 -3.73 1.52 24.28
N VAL B 105 -4.59 1.81 25.25
CA VAL B 105 -4.21 2.64 26.39
C VAL B 105 -4.20 1.78 27.66
N HIS B 106 -3.09 1.79 28.38
CA HIS B 106 -2.97 0.99 29.61
C HIS B 106 -4.06 1.47 30.58
N PRO B 107 -4.69 0.54 31.31
CA PRO B 107 -5.84 0.94 32.13
C PRO B 107 -5.47 1.83 33.32
N THR B 108 -4.24 1.72 33.83
CA THR B 108 -3.84 2.49 35.00
C THR B 108 -2.54 3.30 34.84
N LYS B 109 -1.61 2.83 34.02
CA LYS B 109 -0.28 3.44 33.90
C LYS B 109 -0.19 4.30 32.65
N PRO B 110 0.76 5.27 32.61
CA PRO B 110 0.77 6.24 31.52
C PRO B 110 1.36 5.69 30.23
N TYR B 111 0.92 4.51 29.83
CA TYR B 111 1.44 3.84 28.65
C TYR B 111 0.45 3.77 27.49
N VAL B 112 0.95 3.93 26.27
CA VAL B 112 0.14 3.72 25.05
C VAL B 112 0.88 2.74 24.15
N LEU B 113 0.16 1.79 23.56
CA LEU B 113 0.73 0.90 22.53
C LEU B 113 0.17 1.32 21.19
N SER B 114 1.01 1.29 20.15
CA SER B 114 0.56 1.55 18.79
C SER B 114 1.08 0.42 17.91
N GLY B 115 0.21 -0.11 17.05
CA GLY B 115 0.59 -1.17 16.13
C GLY B 115 0.55 -0.59 14.74
N SER B 116 1.48 -0.99 13.88
CA SER B 116 1.67 -0.30 12.61
C SER B 116 2.01 -1.21 11.46
N ASP B 117 1.83 -0.72 10.24
CA ASP B 117 2.25 -1.45 9.06
C ASP B 117 3.77 -1.57 8.95
N ASP B 118 4.49 -0.88 9.83
CA ASP B 118 5.96 -0.97 9.85
C ASP B 118 6.46 -2.25 10.55
N LEU B 119 5.52 -3.14 10.85
CA LEU B 119 5.77 -4.47 11.42
C LEU B 119 5.99 -4.49 12.94
N THR B 120 5.80 -3.34 13.59
CA THR B 120 6.12 -3.19 15.00
C THR B 120 4.94 -2.80 15.88
N VAL B 121 5.11 -3.03 17.17
CA VAL B 121 4.30 -2.39 18.20
C VAL B 121 5.26 -1.50 18.99
N LYS B 122 4.83 -0.28 19.30
CA LYS B 122 5.66 0.65 20.08
C LYS B 122 4.94 1.07 21.36
N LEU B 123 5.72 1.18 22.43
CA LEU B 123 5.23 1.58 23.74
C LEU B 123 5.68 3.02 24.05
N TRP B 124 4.72 3.91 24.27
CA TRP B 124 4.99 5.31 24.55
C TRP B 124 4.59 5.62 26.00
N ASN B 125 5.41 6.43 26.68
CA ASN B 125 5.16 6.80 28.07
C ASN B 125 4.87 8.29 28.20
N TRP B 126 3.61 8.65 28.44
CA TRP B 126 3.24 10.06 28.46
C TRP B 126 3.74 10.83 29.69
N GLU B 127 4.27 10.12 30.67
CA GLU B 127 4.84 10.82 31.83
C GLU B 127 6.36 10.91 31.74
N ASN B 128 6.89 10.45 30.61
CA ASN B 128 8.29 10.62 30.26
C ASN B 128 8.36 11.32 28.90
N ASN B 129 7.55 12.37 28.75
CA ASN B 129 7.60 13.23 27.56
C ASN B 129 7.20 12.47 26.29
N TRP B 130 6.35 11.46 26.45
CA TRP B 130 5.88 10.63 25.33
C TRP B 130 7.04 9.90 24.65
N ALA B 131 8.06 9.59 25.44
CA ALA B 131 9.24 8.91 24.93
C ALA B 131 8.87 7.50 24.49
N LEU B 132 9.53 7.04 23.43
CA LEU B 132 9.46 5.64 23.01
C LEU B 132 10.22 4.79 24.01
N GLU B 133 9.50 4.02 24.82
CA GLU B 133 10.17 3.20 25.82
C GLU B 133 10.51 1.80 25.35
N GLN B 134 9.79 1.31 24.35
CA GLN B 134 10.08 -0.04 23.84
C GLN B 134 9.50 -0.24 22.44
N THR B 135 10.22 -0.99 21.61
CA THR B 135 9.69 -1.44 20.32
C THR B 135 9.67 -2.97 20.32
N PHE B 136 8.51 -3.53 20.01
CA PHE B 136 8.35 -4.98 19.98
C PHE B 136 8.46 -5.46 18.55
N GLU B 137 9.53 -6.19 18.25
CA GLU B 137 9.81 -6.66 16.89
C GLU B 137 9.71 -8.17 16.79
N GLY B 138 9.25 -8.65 15.64
CA GLY B 138 9.13 -10.08 15.41
C GLY B 138 8.02 -10.40 14.42
N HIS B 139 7.02 -9.53 14.33
CA HIS B 139 5.95 -9.75 13.36
C HIS B 139 6.50 -9.58 11.94
N GLU B 140 5.86 -10.25 11.00
CA GLU B 140 6.36 -10.26 9.62
C GLU B 140 5.40 -9.64 8.61
N HIS B 141 4.31 -9.05 9.10
CA HIS B 141 3.41 -8.30 8.21
C HIS B 141 2.75 -7.19 9.03
N PHE B 142 1.74 -6.53 8.47
CA PHE B 142 1.10 -5.39 9.13
C PHE B 142 0.53 -5.80 10.49
N VAL B 143 0.83 -5.03 11.54
CA VAL B 143 0.24 -5.27 12.85
C VAL B 143 -1.09 -4.53 12.89
N MET B 144 -2.19 -5.28 12.93
CA MET B 144 -3.52 -4.69 12.69
C MET B 144 -4.23 -4.32 13.97
N CYS B 145 -3.79 -4.88 15.10
CA CYS B 145 -4.53 -4.70 16.36
C CYS B 145 -3.66 -4.99 17.58
N VAL B 146 -3.74 -4.09 18.56
CA VAL B 146 -3.08 -4.29 19.85
C VAL B 146 -4.11 -4.16 20.99
N ALA B 147 -3.97 -5.02 22.00
CA ALA B 147 -4.91 -5.01 23.13
C ALA B 147 -4.20 -5.50 24.39
N PHE B 148 -4.29 -4.71 25.46
CA PHE B 148 -3.78 -5.18 26.77
C PHE B 148 -4.67 -6.28 27.31
N ASN B 149 -4.08 -7.21 28.04
CA ASN B 149 -4.87 -8.16 28.80
C ASN B 149 -5.42 -7.39 30.00
N PRO B 150 -6.75 -7.22 30.07
CA PRO B 150 -7.28 -6.39 31.15
C PRO B 150 -7.10 -7.05 32.51
N LYS B 151 -6.88 -8.36 32.54
CA LYS B 151 -6.68 -9.05 33.80
C LYS B 151 -5.20 -9.06 34.22
N ASP B 152 -4.33 -8.74 33.27
CA ASP B 152 -2.90 -8.62 33.53
C ASP B 152 -2.30 -7.70 32.47
N PRO B 153 -2.44 -6.37 32.65
CA PRO B 153 -1.98 -5.41 31.65
C PRO B 153 -0.47 -5.18 31.65
N SER B 154 0.30 -6.02 32.35
CA SER B 154 1.74 -6.10 32.10
C SER B 154 1.97 -6.92 30.82
N THR B 155 0.89 -7.52 30.30
CA THR B 155 0.95 -8.21 29.03
C THR B 155 -0.05 -7.63 28.03
N PHE B 156 0.21 -7.87 26.74
CA PHE B 156 -0.72 -7.46 25.69
C PHE B 156 -0.57 -8.38 24.50
N ALA B 157 -1.59 -8.39 23.63
CA ALA B 157 -1.61 -9.19 22.41
C ALA B 157 -1.54 -8.30 21.17
N SER B 158 -0.85 -8.79 20.14
CA SER B 158 -0.83 -8.12 18.85
C SER B 158 -1.32 -9.10 17.80
N GLY B 159 -2.24 -8.64 16.96
CA GLY B 159 -2.78 -9.45 15.89
C GLY B 159 -2.22 -8.94 14.58
N CYS B 160 -1.80 -9.86 13.71
CA CYS B 160 -1.01 -9.46 12.57
C CYS B 160 -1.41 -10.17 11.27
N LEU B 161 -1.24 -9.50 10.13
CA LEU B 161 -1.54 -10.13 8.84
C LEU B 161 -0.59 -11.30 8.54
N ASP B 162 0.44 -11.48 9.35
CA ASP B 162 1.36 -12.61 9.16
C ASP B 162 0.76 -13.91 9.70
N ARG B 163 -0.51 -13.83 10.10
CA ARG B 163 -1.36 -14.94 10.56
C ARG B 163 -1.12 -15.35 12.01
N THR B 164 -0.41 -14.51 12.77
CA THR B 164 -0.17 -14.82 14.16
C THR B 164 -0.74 -13.79 15.11
N VAL B 165 -0.96 -14.24 16.35
CA VAL B 165 -1.08 -13.33 17.48
C VAL B 165 0.17 -13.53 18.32
N LYS B 166 0.82 -12.44 18.72
CA LYS B 166 1.92 -12.54 19.68
C LYS B 166 1.52 -11.89 20.98
N VAL B 167 1.82 -12.57 22.08
CA VAL B 167 1.52 -12.03 23.40
C VAL B 167 2.85 -11.71 24.06
N TRP B 168 2.96 -10.48 24.57
CA TRP B 168 4.23 -9.94 25.04
C TRP B 168 4.12 -9.48 26.50
N SER B 169 5.25 -9.38 27.18
CA SER B 169 5.34 -8.70 28.49
C SER B 169 6.07 -7.36 28.34
N LEU B 170 5.52 -6.31 28.94
CA LEU B 170 6.20 -5.03 29.00
C LEU B 170 7.56 -5.26 29.63
N GLY B 171 8.60 -4.73 28.99
CA GLY B 171 9.97 -4.87 29.49
C GLY B 171 10.72 -6.09 28.98
N GLN B 172 10.07 -6.93 28.17
CA GLN B 172 10.76 -8.09 27.59
C GLN B 172 10.68 -8.05 26.06
N SER B 173 11.73 -8.51 25.38
CA SER B 173 11.91 -8.23 23.95
C SER B 173 11.35 -9.29 23.00
N THR B 174 11.04 -10.47 23.51
CA THR B 174 10.46 -11.54 22.70
C THR B 174 9.07 -11.91 23.21
N PRO B 175 8.23 -12.47 22.32
CA PRO B 175 6.87 -12.80 22.75
C PRO B 175 6.91 -13.90 23.80
N ASN B 176 6.02 -13.81 24.79
CA ASN B 176 5.82 -14.90 25.72
C ASN B 176 5.40 -16.14 24.92
N PHE B 177 4.56 -15.93 23.90
CA PHE B 177 4.25 -16.97 22.92
C PHE B 177 3.75 -16.38 21.61
N THR B 178 3.83 -17.18 20.55
CA THR B 178 3.28 -16.82 19.25
C THR B 178 2.22 -17.84 18.91
N LEU B 179 1.01 -17.39 18.62
CA LEU B 179 -0.11 -18.27 18.36
C LEU B 179 -0.28 -18.40 16.86
N THR B 180 -0.20 -19.62 16.34
CA THR B 180 -0.41 -19.84 14.91
C THR B 180 -1.90 -20.04 14.75
N THR B 181 -2.57 -19.14 14.04
CA THR B 181 -4.01 -19.15 14.06
C THR B 181 -4.66 -20.06 13.01
N GLY B 182 -3.93 -20.37 11.95
CA GLY B 182 -4.52 -21.11 10.82
C GLY B 182 -5.51 -20.25 10.05
N GLN B 183 -5.53 -18.95 10.36
CA GLN B 183 -6.33 -18.01 9.58
C GLN B 183 -5.39 -17.42 8.53
N GLU B 184 -5.36 -18.07 7.36
CA GLU B 184 -4.25 -17.91 6.43
C GLU B 184 -4.20 -16.56 5.71
N ARG B 185 -5.29 -15.80 5.79
CA ARG B 185 -5.36 -14.46 5.20
C ARG B 185 -4.96 -13.38 6.19
N GLY B 186 -4.51 -13.80 7.37
CA GLY B 186 -4.01 -12.88 8.38
C GLY B 186 -5.01 -12.65 9.50
N VAL B 187 -4.57 -11.92 10.52
CA VAL B 187 -5.44 -11.55 11.64
C VAL B 187 -5.64 -10.04 11.62
N ASN B 188 -6.89 -9.59 11.61
CA ASN B 188 -7.22 -8.17 11.59
C ASN B 188 -7.48 -7.60 12.97
N TYR B 189 -7.73 -8.47 13.94
CA TYR B 189 -8.21 -8.02 15.24
C TYR B 189 -7.97 -9.08 16.29
N VAL B 190 -7.71 -8.63 17.51
CA VAL B 190 -7.58 -9.53 18.66
C VAL B 190 -8.20 -8.84 19.87
N ASP B 191 -8.89 -9.61 20.70
CA ASP B 191 -9.52 -9.06 21.88
C ASP B 191 -9.50 -10.10 23.00
N TYR B 192 -9.44 -9.65 24.24
CA TYR B 192 -9.47 -10.57 25.37
C TYR B 192 -10.85 -10.61 26.02
N TYR B 193 -11.27 -11.81 26.44
CA TYR B 193 -12.40 -11.96 27.35
C TYR B 193 -12.03 -11.35 28.71
N PRO B 194 -12.87 -10.41 29.20
CA PRO B 194 -12.42 -9.58 30.32
C PRO B 194 -12.62 -10.21 31.69
N LEU B 195 -13.36 -11.31 31.76
CA LEU B 195 -13.69 -11.90 33.06
C LEU B 195 -12.77 -13.07 33.43
N PRO B 196 -12.58 -13.30 34.74
CA PRO B 196 -11.57 -14.26 35.20
C PRO B 196 -11.89 -15.75 35.03
N ASP B 197 -13.10 -16.10 34.62
CA ASP B 197 -13.46 -17.52 34.49
C ASP B 197 -12.89 -18.24 33.26
N LYS B 198 -12.55 -17.50 32.19
CA LYS B 198 -11.93 -18.10 31.02
C LYS B 198 -10.73 -17.28 30.55
N PRO B 199 -9.60 -17.95 30.25
CA PRO B 199 -8.41 -17.26 29.71
C PRO B 199 -8.54 -17.21 28.19
N TYR B 200 -9.51 -16.45 27.70
CA TYR B 200 -9.84 -16.47 26.27
C TYR B 200 -9.41 -15.22 25.53
N MET B 201 -8.98 -15.41 24.28
CA MET B 201 -8.87 -14.31 23.33
C MET B 201 -9.61 -14.69 22.06
N ILE B 202 -9.85 -13.70 21.21
CA ILE B 202 -10.61 -13.97 19.99
C ILE B 202 -9.96 -13.25 18.82
N THR B 203 -9.92 -13.90 17.65
CA THR B 203 -9.29 -13.32 16.45
C THR B 203 -10.21 -13.31 15.25
N ALA B 204 -10.13 -12.25 14.44
CA ALA B 204 -10.95 -12.11 13.25
C ALA B 204 -10.07 -12.03 12.00
N SER B 205 -10.56 -12.55 10.88
CA SER B 205 -9.70 -12.68 9.70
C SER B 205 -10.44 -12.40 8.39
N ASP B 206 -9.67 -11.97 7.39
CA ASP B 206 -10.16 -11.92 6.02
C ASP B 206 -10.62 -13.28 5.52
N ASP B 207 -10.19 -14.37 6.16
CA ASP B 207 -10.58 -15.70 5.69
C ASP B 207 -12.01 -16.10 6.04
N LEU B 208 -12.76 -15.13 6.59
CA LEU B 208 -14.19 -15.22 6.93
C LEU B 208 -14.48 -15.87 8.27
N THR B 209 -13.44 -16.25 9.01
CA THR B 209 -13.64 -16.92 10.29
C THR B 209 -13.28 -16.02 11.46
N ILE B 210 -13.85 -16.38 12.60
CA ILE B 210 -13.50 -15.82 13.89
C ILE B 210 -13.11 -17.02 14.76
N LYS B 211 -12.01 -16.91 15.51
CA LYS B 211 -11.59 -18.04 16.36
C LYS B 211 -11.41 -17.64 17.81
N ILE B 212 -11.82 -18.53 18.71
CA ILE B 212 -11.66 -18.33 20.14
C ILE B 212 -10.49 -19.19 20.62
N TRP B 213 -9.64 -18.61 21.45
CA TRP B 213 -8.41 -19.28 21.91
C TRP B 213 -8.27 -19.30 23.41
N ASP B 214 -7.80 -20.43 23.94
CA ASP B 214 -7.31 -20.49 25.31
C ASP B 214 -5.86 -20.01 25.28
N TYR B 215 -5.55 -18.90 25.93
CA TYR B 215 -4.18 -18.37 25.83
C TYR B 215 -3.18 -19.03 26.77
N GLN B 216 -3.66 -19.92 27.61
CA GLN B 216 -2.72 -20.64 28.46
C GLN B 216 -2.21 -21.88 27.73
N THR B 217 -3.10 -22.55 27.00
CA THR B 217 -2.72 -23.76 26.27
C THR B 217 -2.44 -23.52 24.79
N LYS B 218 -2.93 -22.38 24.28
CA LYS B 218 -2.86 -22.01 22.86
C LYS B 218 -3.84 -22.75 21.94
N SER B 219 -4.73 -23.56 22.52
CA SER B 219 -5.69 -24.32 21.73
C SER B 219 -6.83 -23.48 21.20
N CYS B 220 -7.25 -23.78 19.97
CA CYS B 220 -8.49 -23.25 19.42
C CYS B 220 -9.70 -23.91 20.08
N VAL B 221 -10.53 -23.09 20.71
CA VAL B 221 -11.71 -23.54 21.41
C VAL B 221 -12.88 -23.70 20.43
N ALA B 222 -12.99 -22.74 19.50
CA ALA B 222 -14.08 -22.77 18.53
C ALA B 222 -13.77 -21.86 17.34
N THR B 223 -14.44 -22.16 16.24
CA THR B 223 -14.35 -21.32 15.04
C THR B 223 -15.76 -20.88 14.70
N LEU B 224 -15.95 -19.57 14.51
CA LEU B 224 -17.26 -19.03 14.17
C LEU B 224 -17.31 -18.70 12.68
N GLU B 225 -18.25 -19.31 11.96
CA GLU B 225 -18.37 -19.04 10.54
C GLU B 225 -19.73 -18.44 10.20
N GLY B 226 -19.76 -17.64 9.14
CA GLY B 226 -21.03 -17.08 8.70
C GLY B 226 -20.92 -15.75 7.95
N HIS B 227 -19.87 -14.99 8.26
CA HIS B 227 -19.66 -13.73 7.56
C HIS B 227 -19.32 -14.02 6.11
N MET B 228 -19.68 -13.10 5.22
CA MET B 228 -19.56 -13.34 3.77
C MET B 228 -18.39 -12.60 3.12
N SER B 229 -17.75 -11.70 3.86
CA SER B 229 -16.56 -10.98 3.42
CA SER B 229 -16.49 -11.12 3.40
C SER B 229 -15.64 -10.76 4.61
N ASN B 230 -14.51 -10.09 4.40
CA ASN B 230 -13.50 -9.86 5.48
C ASN B 230 -14.12 -9.54 6.84
N VAL B 231 -13.71 -10.21 7.91
CA VAL B 231 -14.21 -9.88 9.24
C VAL B 231 -13.29 -8.82 9.84
N SER B 232 -13.83 -7.63 10.09
CA SER B 232 -12.99 -6.49 10.55
C SER B 232 -12.62 -6.59 12.02
N PHE B 233 -13.52 -7.13 12.84
CA PHE B 233 -13.29 -7.21 14.29
C PHE B 233 -14.17 -8.30 14.89
N ALA B 234 -13.77 -8.82 16.04
CA ALA B 234 -14.66 -9.65 16.86
C ALA B 234 -14.27 -9.35 18.29
N VAL B 235 -15.25 -9.11 19.15
CA VAL B 235 -14.95 -8.83 20.56
C VAL B 235 -15.89 -9.56 21.51
N PHE B 236 -15.42 -9.78 22.73
CA PHE B 236 -16.26 -10.30 23.79
C PHE B 236 -16.99 -9.14 24.45
N HIS B 237 -18.29 -9.27 24.70
CA HIS B 237 -18.97 -8.21 25.45
C HIS B 237 -18.54 -8.30 26.91
N PRO B 238 -18.31 -7.15 27.56
CA PRO B 238 -17.76 -7.20 28.93
C PRO B 238 -18.66 -7.82 30.01
N THR B 239 -19.99 -7.79 29.82
CA THR B 239 -20.92 -8.27 30.83
C THR B 239 -21.98 -9.25 30.32
N LEU B 240 -22.21 -9.27 29.02
CA LEU B 240 -23.18 -10.18 28.42
C LEU B 240 -22.46 -11.39 27.81
N PRO B 241 -23.08 -12.58 27.90
CA PRO B 241 -22.48 -13.80 27.35
C PRO B 241 -22.63 -13.85 25.83
N ILE B 242 -22.05 -12.85 25.16
CA ILE B 242 -22.09 -12.82 23.71
C ILE B 242 -20.75 -12.36 23.13
N ILE B 243 -20.60 -12.62 21.84
CA ILE B 243 -19.48 -12.09 21.07
C ILE B 243 -20.09 -11.21 19.99
N ILE B 244 -19.42 -10.11 19.65
CA ILE B 244 -19.92 -9.22 18.61
C ILE B 244 -18.85 -9.06 17.51
N SER B 245 -19.26 -9.24 16.27
CA SER B 245 -18.33 -9.08 15.14
C SER B 245 -18.94 -8.22 14.05
N GLY B 246 -18.10 -7.76 13.12
CA GLY B 246 -18.54 -6.89 12.04
C GLY B 246 -17.65 -7.13 10.85
N SER B 247 -18.16 -6.87 9.66
CA SER B 247 -17.55 -7.41 8.45
C SER B 247 -17.73 -6.45 7.29
N GLU B 248 -16.89 -6.60 6.27
CA GLU B 248 -17.10 -5.86 5.04
C GLU B 248 -18.33 -6.37 4.29
N ASP B 249 -18.98 -7.40 4.81
CA ASP B 249 -20.28 -7.80 4.24
C ASP B 249 -21.44 -6.90 4.69
N GLY B 250 -21.13 -5.91 5.53
CA GLY B 250 -22.10 -4.90 5.94
C GLY B 250 -22.85 -5.28 7.20
N THR B 251 -22.55 -6.45 7.77
CA THR B 251 -23.31 -6.91 8.93
C THR B 251 -22.54 -6.83 10.24
N LEU B 252 -23.31 -6.69 11.32
CA LEU B 252 -22.86 -6.99 12.67
C LEU B 252 -23.49 -8.34 13.00
N LYS B 253 -22.73 -9.23 13.64
CA LYS B 253 -23.30 -10.48 14.12
C LYS B 253 -23.09 -10.59 15.62
N ILE B 254 -24.13 -11.04 16.30
CA ILE B 254 -24.08 -11.29 17.74
C ILE B 254 -24.10 -12.80 17.89
N TRP B 255 -23.07 -13.34 18.58
CA TRP B 255 -22.92 -14.78 18.74
C TRP B 255 -23.04 -15.13 20.21
N ASN B 256 -23.71 -16.25 20.48
CA ASN B 256 -23.79 -16.82 21.83
C ASN B 256 -22.39 -17.27 22.28
N SER B 257 -21.89 -16.77 23.40
CA SER B 257 -20.51 -17.11 23.76
C SER B 257 -20.36 -18.46 24.47
N SER B 258 -21.47 -19.19 24.59
CA SER B 258 -21.43 -20.53 25.17
CA SER B 258 -21.47 -20.53 25.17
C SER B 258 -21.55 -21.63 24.10
N THR B 259 -22.52 -21.48 23.21
CA THR B 259 -22.77 -22.46 22.15
C THR B 259 -22.00 -22.10 20.89
N TYR B 260 -21.54 -20.86 20.82
CA TYR B 260 -20.85 -20.33 19.65
C TYR B 260 -21.70 -20.33 18.38
N LYS B 261 -23.00 -20.26 18.56
CA LYS B 261 -23.90 -20.11 17.43
C LYS B 261 -24.34 -18.66 17.26
N VAL B 262 -24.52 -18.23 16.02
CA VAL B 262 -25.03 -16.89 15.77
C VAL B 262 -26.42 -16.74 16.36
N GLU B 263 -26.67 -15.59 16.97
CA GLU B 263 -27.94 -15.31 17.61
C GLU B 263 -28.70 -14.26 16.80
N LYS B 264 -27.96 -13.29 16.25
CA LYS B 264 -28.59 -12.22 15.49
C LYS B 264 -27.64 -11.68 14.44
N THR B 265 -28.18 -11.35 13.27
CA THR B 265 -27.40 -10.65 12.23
C THR B 265 -28.12 -9.36 11.89
N LEU B 266 -27.39 -8.25 11.91
CA LEU B 266 -28.00 -6.94 11.68
C LEU B 266 -27.23 -6.16 10.62
N ASN B 267 -27.95 -5.68 9.60
CA ASN B 267 -27.37 -4.76 8.61
C ASN B 267 -28.00 -3.38 8.81
N VAL B 268 -27.24 -2.46 9.40
CA VAL B 268 -27.79 -1.19 9.81
C VAL B 268 -27.88 -0.21 8.65
N GLY B 269 -27.48 -0.67 7.46
CA GLY B 269 -27.57 0.14 6.25
C GLY B 269 -26.47 1.18 6.09
N LEU B 270 -25.29 0.91 6.64
CA LEU B 270 -24.19 1.84 6.53
C LEU B 270 -23.05 1.28 5.69
N GLU B 271 -23.35 0.24 4.92
CA GLU B 271 -22.36 -0.54 4.16
C GLU B 271 -21.31 -1.16 5.08
N ARG B 272 -20.08 -1.22 4.62
CA ARG B 272 -19.07 -2.05 5.30
C ARG B 272 -18.77 -1.62 6.74
N SER B 273 -18.62 -2.60 7.64
CA SER B 273 -18.31 -2.34 9.05
C SER B 273 -16.80 -2.47 9.32
N TRP B 274 -16.23 -1.51 10.04
CA TRP B 274 -14.79 -1.46 10.25
C TRP B 274 -14.35 -1.54 11.70
N CYS B 275 -15.16 -1.03 12.62
CA CYS B 275 -14.69 -0.90 14.00
C CYS B 275 -15.80 -1.03 15.02
N ILE B 276 -15.41 -1.23 16.27
CA ILE B 276 -16.34 -1.61 17.33
C ILE B 276 -15.86 -1.02 18.65
N ALA B 277 -16.81 -0.73 19.54
CA ALA B 277 -16.49 -0.35 20.91
C ALA B 277 -17.63 -0.85 21.78
N THR B 278 -17.33 -1.18 23.03
CA THR B 278 -18.38 -1.53 23.97
C THR B 278 -18.24 -0.63 25.19
N HIS B 279 -19.37 -0.19 25.76
CA HIS B 279 -19.29 0.65 26.95
C HIS B 279 -18.64 -0.15 28.07
N PRO B 280 -17.54 0.37 28.63
CA PRO B 280 -16.67 -0.45 29.48
C PRO B 280 -17.36 -0.93 30.75
N THR B 281 -18.39 -0.21 31.20
CA THR B 281 -19.12 -0.65 32.39
C THR B 281 -20.43 -1.32 32.02
N GLY B 282 -20.63 -1.53 30.71
CA GLY B 282 -21.85 -2.13 30.22
C GLY B 282 -23.08 -1.27 30.41
N ARG B 283 -22.88 0.04 30.51
CA ARG B 283 -24.01 0.95 30.72
C ARG B 283 -25.04 0.81 29.60
N LYS B 284 -26.29 0.56 29.97
CA LYS B 284 -27.38 0.26 29.01
C LYS B 284 -26.97 -0.74 27.93
N ASN B 285 -25.97 -1.56 28.24
CA ASN B 285 -25.41 -2.51 27.27
C ASN B 285 -25.16 -1.86 25.91
N TYR B 286 -24.59 -0.66 25.95
CA TYR B 286 -24.29 0.10 24.75
C TYR B 286 -23.13 -0.52 23.99
N ILE B 287 -23.27 -0.59 22.68
CA ILE B 287 -22.12 -0.89 21.82
C ILE B 287 -22.15 0.14 20.71
N ALA B 288 -21.05 0.29 19.98
CA ALA B 288 -21.02 1.23 18.88
C ALA B 288 -20.15 0.66 17.78
N SER B 289 -20.57 0.83 16.53
CA SER B 289 -19.76 0.38 15.41
C SER B 289 -19.63 1.47 14.34
N GLY B 290 -18.46 1.51 13.68
CA GLY B 290 -18.22 2.48 12.63
C GLY B 290 -18.18 1.80 11.26
N PHE B 291 -18.68 2.52 10.26
CA PHE B 291 -18.94 1.95 8.94
C PHE B 291 -18.55 2.91 7.82
N ASP B 292 -18.59 2.40 6.58
CA ASP B 292 -18.41 3.24 5.39
C ASP B 292 -19.15 4.56 5.47
N ASN B 293 -20.41 4.53 5.92
CA ASN B 293 -21.23 5.74 5.84
C ASN B 293 -21.68 6.35 7.16
N GLY B 294 -21.02 5.99 8.25
CA GLY B 294 -21.28 6.60 9.53
C GLY B 294 -21.13 5.64 10.69
N PHE B 295 -21.81 5.94 11.79
CA PHE B 295 -21.75 5.08 12.96
C PHE B 295 -23.14 4.83 13.53
N THR B 296 -23.21 3.85 14.42
CA THR B 296 -24.43 3.63 15.19
C THR B 296 -24.06 3.27 16.61
N VAL B 297 -24.86 3.78 17.54
CA VAL B 297 -24.76 3.39 18.95
C VAL B 297 -26.03 2.59 19.22
N LEU B 298 -25.86 1.36 19.70
CA LEU B 298 -27.00 0.46 19.95
C LEU B 298 -27.01 0.08 21.41
N SER B 299 -28.21 -0.04 21.99
CA SER B 299 -28.38 -0.65 23.30
C SER B 299 -28.80 -2.11 23.06
N LEU B 300 -28.10 -3.08 23.65
CA LEU B 300 -28.37 -4.49 23.33
C LEU B 300 -29.50 -5.12 24.15
N GLY B 301 -30.01 -4.36 25.11
CA GLY B 301 -31.13 -4.82 25.92
C GLY B 301 -30.99 -4.21 27.30
N ASN B 302 -31.81 -4.66 28.25
CA ASN B 302 -31.78 -4.05 29.56
C ASN B 302 -31.35 -4.98 30.67
N ASP B 303 -30.68 -6.08 30.32
CA ASP B 303 -30.10 -6.95 31.35
C ASP B 303 -29.09 -6.16 32.16
N GLU B 304 -29.05 -6.38 33.47
CA GLU B 304 -28.07 -5.70 34.29
C GLU B 304 -27.02 -6.67 34.81
N HIS B 305 -25.76 -6.31 34.61
CA HIS B 305 -24.62 -7.06 35.07
C HIS B 305 -24.70 -7.39 36.57
N HIS B 306 -25.15 -6.40 37.35
CA HIS B 306 -25.20 -6.54 38.80
C HIS B 306 -26.38 -7.42 39.23
N HIS B 307 -26.07 -8.53 39.91
CA HIS B 307 -27.09 -9.46 40.34
C HIS B 307 -27.92 -8.85 41.46
N HIS B 308 -29.20 -9.21 41.52
CA HIS B 308 -30.14 -8.61 42.46
C HIS B 308 -30.11 -7.09 42.41
N HIS B 309 -30.16 -6.53 41.19
CA HIS B 309 -30.11 -5.09 41.00
C HIS B 309 -31.42 -4.44 41.42
N HIS B 310 -32.51 -5.19 41.32
CA HIS B 310 -33.81 -4.64 41.65
C HIS B 310 -34.01 -4.53 43.15
N UNK C 1 17.70 -26.99 -23.13
CA UNK C 1 17.61 -25.55 -22.91
C UNK C 1 17.94 -25.14 -21.46
N UNK C 2 16.96 -25.25 -20.56
CA UNK C 2 17.16 -24.78 -19.18
C UNK C 2 16.15 -25.30 -18.15
N UNK C 3 16.36 -26.53 -17.66
CA UNK C 3 15.59 -27.06 -16.53
C UNK C 3 16.44 -28.05 -15.73
N UNK C 4 17.09 -27.52 -14.71
CA UNK C 4 18.06 -28.21 -13.84
C UNK C 4 18.81 -27.13 -13.06
N UNK C 5 19.28 -26.13 -13.83
CA UNK C 5 19.93 -24.86 -13.42
C UNK C 5 21.19 -24.63 -14.23
#